data_2J7W
#
_entry.id   2J7W
#
_cell.length_a   163.716
_cell.length_b   180.918
_cell.length_c   58.042
_cell.angle_alpha   90.00
_cell.angle_beta   90.00
_cell.angle_gamma   90.00
#
_symmetry.space_group_name_H-M   'C 2 2 21'
#
loop_
_entity.id
_entity.type
_entity.pdbx_description
1 polymer POLYPROTEIN
2 non-polymer 'ZINC ION'
3 non-polymer "GUANOSINE-5'-TRIPHOSPHATE"
4 non-polymer DI(HYDROXYETHYL)ETHER
5 water water
#
_entity_poly.entity_id   1
_entity_poly.type   'polypeptide(L)'
_entity_poly.pdbx_seq_one_letter_code
;GSHMLDNMDVIGERIKRIKEEHNSTWHYDDENPYKTWAYHGSYEVKATGSASSMINGVVKLLTKPWDVVPMVTQMAMTDT
TPFGQQRVFKEKVDTRTPRPLPGTRKVMEITAEWLWRTLGRNKRPRLCTREEFTKKVRTNAAMGAVFTEENQWDSAKAAV
EDEEFWKLVDRERELHKLGKCGSCVYNMMGKREKKLGEFGKAKGSRAIWYMWLGARYLEFEALGFLNEDHWFSRENSYSG
VEGEGLHKLGYILRDISKIPGGAMYADDTAGWDTRITEDDLHNEEKIIQQMDPEHRQLANAIFKLTYQNKVVKVQRPTPT
GTVMDIISRKDQRGSGQVGTYGLNTFTNMEAQLVRQMEGEGVLTKADLENPHLLEKKITQWLETKGVERLKRMAISGDDC
VVKPIDDRFANALLALNDMGKVRKDIPQWQPSKGWHDWQQVPFCSHHFHELIMKDGRKLVVPCRPQDELIGRARISQGAG
WSLRETACLGKAYAQMWSLMYFHRRDLRLASNAICSAVPVHWVPTSRTTWSIHAHHQWMTTEDMLTVWNRVWIEENPWME
DKTPVTTWENVPYLGKREDQWCGSLIGLTSRATWAQNIPTAIQQVRSLIGNEEFLDYMPSMKRFRKEEESEGAIW
;
_entity_poly.pdbx_strand_id   A
#
# COMPACT_ATOMS: atom_id res chain seq x y z
N MET A 8 9.55 29.05 12.50
CA MET A 8 10.47 27.91 12.77
C MET A 8 11.92 28.28 12.46
N ASP A 9 12.80 28.05 13.42
CA ASP A 9 14.23 28.23 13.23
C ASP A 9 14.79 27.05 12.42
N VAL A 10 14.61 25.84 12.96
CA VAL A 10 15.16 24.62 12.38
C VAL A 10 14.41 24.22 11.10
N ILE A 11 14.50 25.08 10.09
CA ILE A 11 13.86 24.89 8.78
C ILE A 11 14.52 25.81 7.74
N GLY A 12 15.19 26.85 8.23
CA GLY A 12 15.82 27.87 7.40
C GLY A 12 16.75 27.34 6.32
N GLU A 13 17.57 26.35 6.69
CA GLU A 13 18.59 25.76 5.82
C GLU A 13 18.04 25.30 4.45
N ARG A 14 16.93 24.58 4.44
CA ARG A 14 16.28 24.12 3.21
C ARG A 14 15.55 25.24 2.47
N ILE A 15 15.06 26.22 3.24
CA ILE A 15 14.43 27.41 2.67
C ILE A 15 15.47 28.28 1.96
N LYS A 16 16.65 28.41 2.57
CA LYS A 16 17.73 29.22 2.01
C LYS A 16 18.46 28.53 0.86
N ARG A 17 18.33 27.21 0.76
CA ARG A 17 19.02 26.42 -0.28
C ARG A 17 18.30 26.42 -1.63
N ILE A 18 16.98 26.24 -1.60
CA ILE A 18 16.17 26.28 -2.83
C ILE A 18 16.08 27.72 -3.35
N LYS A 19 16.05 28.67 -2.42
CA LYS A 19 16.19 30.10 -2.70
C LYS A 19 17.51 30.39 -3.43
N GLU A 20 18.59 29.74 -2.98
CA GLU A 20 19.94 29.95 -3.50
C GLU A 20 20.09 29.54 -4.98
N GLU A 21 19.67 28.32 -5.30
CA GLU A 21 19.80 27.82 -6.67
C GLU A 21 18.77 28.45 -7.62
N HIS A 22 17.55 28.63 -7.12
CA HIS A 22 16.44 29.12 -7.94
C HIS A 22 16.18 30.61 -7.75
N ASN A 23 17.26 31.37 -7.54
CA ASN A 23 17.21 32.82 -7.39
C ASN A 23 16.95 33.54 -8.71
N SER A 24 17.23 32.87 -9.83
CA SER A 24 16.99 33.41 -11.17
C SER A 24 15.51 33.61 -11.49
N THR A 25 14.64 33.09 -10.63
CA THR A 25 13.19 33.13 -10.84
C THR A 25 12.41 33.35 -9.53
N TRP A 26 13.13 33.70 -8.46
CA TRP A 26 12.57 33.69 -7.10
C TRP A 26 11.79 34.94 -6.68
N HIS A 27 10.69 34.72 -5.95
CA HIS A 27 9.79 35.76 -5.47
C HIS A 27 8.90 35.17 -4.37
N TYR A 28 7.98 35.97 -3.83
CA TYR A 28 6.89 35.44 -2.99
C TYR A 28 5.54 35.92 -3.50
N ASP A 29 4.66 34.96 -3.80
CA ASP A 29 3.37 35.23 -4.42
C ASP A 29 2.31 35.51 -3.36
N ASP A 30 1.56 36.59 -3.54
CA ASP A 30 0.46 36.97 -2.65
C ASP A 30 -0.83 36.23 -2.95
N GLU A 31 -0.87 35.55 -4.10
CA GLU A 31 -2.05 34.81 -4.54
C GLU A 31 -1.92 33.29 -4.32
N ASN A 32 -1.23 32.91 -3.25
CA ASN A 32 -1.03 31.50 -2.90
C ASN A 32 -2.26 30.86 -2.26
N PRO A 33 -2.66 29.66 -2.76
CA PRO A 33 -3.85 28.98 -2.25
C PRO A 33 -3.59 28.18 -0.96
N TYR A 34 -2.69 28.68 -0.12
CA TYR A 34 -2.29 27.96 1.10
C TYR A 34 -2.78 28.66 2.36
N LYS A 35 -3.78 28.06 3.00
CA LYS A 35 -4.47 28.66 4.15
C LYS A 35 -4.11 28.01 5.49
N THR A 36 -3.46 26.85 5.45
CA THR A 36 -2.91 26.23 6.66
C THR A 36 -1.50 25.64 6.44
N TRP A 37 -1.15 25.40 5.17
CA TRP A 37 0.22 25.07 4.80
C TRP A 37 1.05 26.35 4.76
N ALA A 38 1.78 26.62 5.84
CA ALA A 38 2.64 27.81 5.95
C ALA A 38 3.56 27.98 4.73
N TYR A 39 3.62 29.21 4.20
CA TYR A 39 4.25 29.49 2.91
C TYR A 39 5.33 30.57 2.99
N HIS A 40 6.47 30.33 2.34
CA HIS A 40 7.60 31.25 2.38
C HIS A 40 8.00 31.80 1.00
N GLY A 41 7.68 31.05 -0.07
CA GLY A 41 8.04 31.49 -1.43
C GLY A 41 7.90 30.46 -2.54
N SER A 42 8.08 30.92 -3.78
CA SER A 42 8.00 30.06 -4.97
C SER A 42 8.93 30.57 -6.08
N TYR A 43 9.32 29.68 -6.97
CA TYR A 43 10.19 30.05 -8.09
C TYR A 43 9.58 29.73 -9.46
N GLU A 44 9.91 30.59 -10.43
CA GLU A 44 9.50 30.48 -11.85
C GLU A 44 8.41 31.48 -12.25
N SER A 52 0.68 10.35 -20.79
CA SER A 52 1.81 9.64 -21.38
C SER A 52 1.92 8.21 -20.82
N SER A 53 1.13 7.30 -21.38
CA SER A 53 1.08 5.89 -20.98
C SER A 53 0.13 5.12 -21.91
N MET A 54 0.70 4.33 -22.81
CA MET A 54 -0.07 3.70 -23.87
C MET A 54 -0.79 2.41 -23.45
N ILE A 55 -1.60 1.92 -24.38
CA ILE A 55 -2.31 0.67 -24.26
C ILE A 55 -1.38 -0.47 -24.60
N ASN A 56 -1.58 -1.60 -23.93
CA ASN A 56 -0.92 -2.85 -24.26
C ASN A 56 -1.65 -3.51 -25.42
N GLY A 57 -1.08 -3.38 -26.61
CA GLY A 57 -1.70 -3.93 -27.84
C GLY A 57 -1.97 -5.42 -27.85
N VAL A 58 -1.03 -6.20 -27.31
CA VAL A 58 -1.15 -7.64 -27.23
C VAL A 58 -2.37 -8.01 -26.39
N VAL A 59 -2.41 -7.51 -25.16
CA VAL A 59 -3.50 -7.78 -24.24
C VAL A 59 -4.81 -7.29 -24.82
N LYS A 60 -4.82 -6.10 -25.43
CA LYS A 60 -6.04 -5.59 -26.02
C LYS A 60 -6.58 -6.57 -27.04
N LEU A 61 -5.75 -6.92 -28.04
CA LEU A 61 -6.14 -7.87 -29.08
C LEU A 61 -6.78 -9.15 -28.56
N LEU A 62 -6.32 -9.63 -27.41
CA LEU A 62 -6.83 -10.88 -26.84
C LEU A 62 -7.98 -10.69 -25.82
N THR A 63 -8.45 -9.45 -25.68
CA THR A 63 -9.52 -9.11 -24.73
C THR A 63 -10.56 -8.20 -25.38
N LYS A 64 -10.85 -8.49 -26.64
CA LYS A 64 -11.77 -7.72 -27.45
C LYS A 64 -13.13 -7.39 -26.81
N PRO A 65 -13.79 -8.37 -26.15
CA PRO A 65 -15.12 -8.03 -25.62
C PRO A 65 -15.04 -6.87 -24.63
N TRP A 66 -13.85 -6.67 -24.07
CA TRP A 66 -13.61 -5.58 -23.15
C TRP A 66 -13.14 -4.30 -23.85
N ASP A 67 -13.17 -4.28 -25.17
CA ASP A 67 -12.98 -3.03 -25.91
C ASP A 67 -14.06 -2.03 -25.52
N VAL A 68 -15.23 -2.54 -25.13
CA VAL A 68 -16.35 -1.64 -24.85
C VAL A 68 -16.39 -1.14 -23.39
N VAL A 69 -16.48 -2.10 -22.46
CA VAL A 69 -16.56 -1.89 -21.01
C VAL A 69 -16.06 -0.54 -20.50
N PRO A 70 -16.94 0.22 -19.81
CA PRO A 70 -16.60 1.56 -19.32
C PRO A 70 -15.40 1.59 -18.37
N MET A 71 -15.37 0.71 -17.37
CA MET A 71 -14.23 0.67 -16.45
C MET A 71 -12.91 0.42 -17.18
N VAL A 72 -12.94 -0.41 -18.22
CA VAL A 72 -11.76 -0.61 -19.04
C VAL A 72 -11.31 0.69 -19.72
N THR A 73 -12.24 1.40 -20.38
CA THR A 73 -11.96 2.69 -21.03
C THR A 73 -11.46 3.73 -20.02
N GLN A 74 -12.04 3.74 -18.83
CA GLN A 74 -11.69 4.72 -17.80
C GLN A 74 -10.26 4.62 -17.33
N MET A 75 -9.76 3.41 -17.23
CA MET A 75 -8.42 3.17 -16.75
C MET A 75 -7.39 3.48 -17.81
N ALA A 76 -7.80 3.35 -19.07
CA ALA A 76 -6.95 3.67 -20.20
C ALA A 76 -6.82 5.18 -20.41
N MET A 77 -7.13 5.94 -19.36
CA MET A 77 -7.00 7.40 -19.37
C MET A 77 -6.11 7.86 -18.22
N THR A 78 -5.03 8.56 -18.56
CA THR A 78 -4.12 9.11 -17.57
C THR A 78 -4.06 10.64 -17.61
N ASP A 79 -4.40 11.27 -16.49
CA ASP A 79 -4.31 12.71 -16.34
C ASP A 79 -3.30 13.04 -15.25
N THR A 80 -2.02 13.18 -15.65
CA THR A 80 -0.91 13.31 -14.69
C THR A 80 -0.27 14.72 -14.66
N THR A 81 0.06 15.28 -15.82
CA THR A 81 0.83 16.54 -15.90
C THR A 81 -0.01 17.83 -15.79
N PRO A 82 -0.71 18.26 -16.88
CA PRO A 82 -1.34 19.60 -16.86
C PRO A 82 -2.47 19.76 -15.83
N PHE A 83 -3.46 18.87 -15.88
CA PHE A 83 -4.50 18.81 -14.85
C PHE A 83 -4.78 17.37 -14.42
N GLY A 84 -4.59 17.13 -13.12
CA GLY A 84 -4.72 15.80 -12.53
C GLY A 84 -3.77 15.58 -11.35
N GLN A 85 -2.99 16.62 -11.03
CA GLN A 85 -2.10 16.62 -9.87
C GLN A 85 -1.88 18.05 -9.35
N GLN A 86 -2.24 19.03 -10.18
CA GLN A 86 -2.23 20.44 -9.79
C GLN A 86 -3.52 20.82 -9.06
N ARG A 87 -4.58 20.09 -9.36
CA ARG A 87 -5.89 20.28 -8.71
C ARG A 87 -6.22 19.12 -7.78
N VAL A 88 -5.76 17.92 -8.14
CA VAL A 88 -5.97 16.71 -7.32
C VAL A 88 -5.16 16.75 -6.02
N PHE A 89 -3.83 16.71 -6.12
CA PHE A 89 -2.94 16.76 -4.96
C PHE A 89 -2.84 18.18 -4.37
N LYS A 90 -4.01 18.74 -4.02
CA LYS A 90 -4.10 20.10 -3.49
C LYS A 90 -5.49 20.39 -2.91
N GLU A 91 -6.52 19.70 -3.43
CA GLU A 91 -7.93 19.97 -3.12
C GLU A 91 -8.27 19.92 -1.62
N LYS A 92 -8.38 18.70 -1.07
CA LYS A 92 -8.66 18.51 0.35
C LYS A 92 -7.42 18.00 1.09
N VAL A 93 -6.39 18.85 1.14
CA VAL A 93 -5.12 18.55 1.80
C VAL A 93 -4.73 19.74 2.68
N ASP A 94 -4.98 20.94 2.15
CA ASP A 94 -4.71 22.18 2.87
C ASP A 94 -5.80 22.47 3.91
N THR A 95 -6.21 21.42 4.62
CA THR A 95 -7.21 21.55 5.69
C THR A 95 -6.65 21.04 7.03
N ARG A 96 -7.20 21.58 8.12
CA ARG A 96 -6.73 21.24 9.46
C ARG A 96 -7.54 20.10 10.09
N THR A 97 -6.94 19.49 11.10
CA THR A 97 -7.57 18.49 11.92
C THR A 97 -7.63 19.11 13.32
N PRO A 98 -8.81 19.09 13.98
CA PRO A 98 -8.89 19.70 15.31
C PRO A 98 -8.06 18.88 16.29
N ARG A 99 -7.40 19.55 17.24
CA ARG A 99 -6.55 18.82 18.18
C ARG A 99 -7.37 17.84 19.03
N PRO A 100 -6.87 16.61 19.21
CA PRO A 100 -7.61 15.69 20.07
C PRO A 100 -7.71 16.22 21.49
N LEU A 101 -8.83 15.94 22.13
CA LEU A 101 -9.03 16.20 23.55
C LEU A 101 -7.90 15.64 24.46
N PRO A 102 -7.75 16.21 25.67
CA PRO A 102 -6.60 15.81 26.49
C PRO A 102 -6.69 14.37 26.99
N GLY A 103 -7.89 13.91 27.30
CA GLY A 103 -8.06 12.53 27.71
C GLY A 103 -7.69 11.58 26.59
N THR A 104 -8.20 11.86 25.39
CA THR A 104 -7.84 11.12 24.19
C THR A 104 -6.31 11.06 24.06
N ARG A 105 -5.66 12.20 24.26
CA ARG A 105 -4.24 12.29 24.05
C ARG A 105 -3.51 11.39 25.02
N LYS A 106 -3.98 11.34 26.27
CA LYS A 106 -3.40 10.49 27.29
C LYS A 106 -3.54 9.00 26.92
N VAL A 107 -4.75 8.57 26.59
CA VAL A 107 -4.95 7.17 26.25
C VAL A 107 -4.10 6.74 25.07
N MET A 108 -4.04 7.57 24.04
CA MET A 108 -3.20 7.29 22.88
C MET A 108 -1.76 7.04 23.27
N GLU A 109 -1.26 7.92 24.12
CA GLU A 109 0.11 7.89 24.57
C GLU A 109 0.41 6.59 25.32
N ILE A 110 -0.54 6.13 26.13
CA ILE A 110 -0.36 4.88 26.89
C ILE A 110 -0.39 3.69 25.93
N THR A 111 -1.33 3.71 25.00
CA THR A 111 -1.47 2.66 24.01
C THR A 111 -0.23 2.58 23.10
N ALA A 112 0.34 3.73 22.78
CA ALA A 112 1.49 3.77 21.91
C ALA A 112 2.69 3.21 22.67
N GLU A 113 2.81 3.60 23.93
CA GLU A 113 3.87 3.09 24.78
C GLU A 113 3.82 1.57 24.84
N TRP A 114 2.61 1.05 25.06
CA TRP A 114 2.39 -0.36 25.27
C TRP A 114 2.65 -1.13 23.97
N LEU A 115 2.24 -0.53 22.86
CA LEU A 115 2.36 -1.15 21.56
C LEU A 115 3.81 -1.24 21.12
N TRP A 116 4.58 -0.18 21.30
CA TRP A 116 5.98 -0.23 20.92
C TRP A 116 6.69 -1.28 21.75
N ARG A 117 6.45 -1.29 23.06
CA ARG A 117 6.99 -2.32 23.94
C ARG A 117 6.61 -3.70 23.43
N THR A 118 5.34 -3.91 23.12
CA THR A 118 4.91 -5.21 22.58
C THR A 118 5.65 -5.56 21.28
N LEU A 119 5.68 -4.59 20.36
CA LEU A 119 6.25 -4.83 19.04
C LEU A 119 7.73 -5.14 19.12
N GLY A 120 8.37 -4.65 20.18
CA GLY A 120 9.80 -4.83 20.36
C GLY A 120 10.17 -5.89 21.37
N ARG A 121 9.21 -6.76 21.73
CA ARG A 121 9.46 -7.76 22.78
C ARG A 121 10.64 -8.70 22.44
N ASN A 122 10.69 -9.20 21.20
CA ASN A 122 11.75 -10.11 20.74
C ASN A 122 12.80 -9.41 19.88
N LYS A 123 12.49 -8.22 19.40
CA LYS A 123 13.35 -7.55 18.43
C LYS A 123 14.01 -6.28 18.98
N ARG A 124 15.22 -6.00 18.52
CA ARG A 124 15.93 -4.78 18.88
C ARG A 124 16.10 -3.93 17.62
N PRO A 125 15.81 -2.63 17.71
CA PRO A 125 16.00 -1.81 16.52
C PRO A 125 17.48 -1.70 16.17
N ARG A 126 17.76 -1.63 14.87
CA ARG A 126 19.12 -1.48 14.39
C ARG A 126 19.11 -0.61 13.14
N LEU A 127 20.27 -0.07 12.78
CA LEU A 127 20.43 0.69 11.55
C LEU A 127 20.44 -0.26 10.37
N CYS A 128 19.89 0.22 9.26
CA CYS A 128 20.07 -0.43 7.99
C CYS A 128 21.24 0.22 7.26
N THR A 129 21.70 -0.42 6.20
CA THR A 129 23.04 -0.15 5.69
C THR A 129 23.04 0.27 4.23
N ARG A 130 24.18 0.81 3.79
CA ARG A 130 24.39 1.10 2.38
C ARG A 130 24.21 -0.14 1.50
N GLU A 131 24.74 -1.27 1.98
CA GLU A 131 24.71 -2.55 1.25
C GLU A 131 23.30 -3.07 1.08
N GLU A 132 22.52 -3.01 2.17
CA GLU A 132 21.11 -3.37 2.14
C GLU A 132 20.29 -2.51 1.19
N PHE A 133 20.60 -1.22 1.15
CA PHE A 133 19.89 -0.25 0.32
C PHE A 133 20.25 -0.42 -1.14
N THR A 134 21.52 -0.77 -1.37
CA THR A 134 21.99 -1.08 -2.72
C THR A 134 21.29 -2.32 -3.25
N LYS A 135 21.32 -3.40 -2.46
CA LYS A 135 20.66 -4.65 -2.80
C LYS A 135 19.20 -4.42 -3.21
N LYS A 136 18.47 -3.65 -2.40
CA LYS A 136 17.04 -3.40 -2.64
C LYS A 136 16.75 -2.59 -3.90
N VAL A 137 17.63 -1.61 -4.17
CA VAL A 137 17.48 -0.76 -5.36
C VAL A 137 17.75 -1.55 -6.64
N ARG A 138 18.71 -2.47 -6.59
CA ARG A 138 19.07 -3.28 -7.75
C ARG A 138 17.94 -4.23 -8.15
N THR A 139 17.34 -4.85 -7.15
CA THR A 139 16.28 -5.85 -7.39
C THR A 139 14.92 -5.23 -7.71
N ASN A 140 14.81 -3.92 -7.51
CA ASN A 140 13.53 -3.20 -7.56
C ASN A 140 12.61 -3.66 -6.42
N ALA A 141 12.42 -2.82 -5.40
CA ALA A 141 11.66 -3.23 -4.22
C ALA A 141 10.94 -2.06 -3.54
N ALA A 142 10.84 -2.10 -2.21
CA ALA A 142 10.24 -1.04 -1.39
C ALA A 142 10.43 -1.35 0.09
N SER A 155 17.67 2.93 -13.07
CA SER A 155 17.15 4.27 -13.22
C SER A 155 17.66 5.13 -12.08
N ALA A 156 17.53 4.60 -10.87
CA ALA A 156 18.19 5.14 -9.67
C ALA A 156 19.50 4.39 -9.46
N LYS A 157 19.87 3.60 -10.46
CA LYS A 157 21.07 2.78 -10.42
C LYS A 157 22.33 3.64 -10.46
N ALA A 158 22.34 4.60 -11.39
CA ALA A 158 23.48 5.47 -11.62
C ALA A 158 24.02 6.05 -10.32
N ALA A 159 23.11 6.49 -9.45
CA ALA A 159 23.45 7.07 -8.15
C ALA A 159 24.04 6.02 -7.23
N VAL A 160 23.45 4.83 -7.28
CA VAL A 160 23.75 3.77 -6.33
C VAL A 160 25.14 3.14 -6.55
N GLU A 161 25.61 3.14 -7.79
CA GLU A 161 26.98 2.72 -8.11
C GLU A 161 27.93 3.91 -8.22
N ASP A 162 27.56 5.03 -7.62
CA ASP A 162 28.38 6.24 -7.64
C ASP A 162 28.83 6.59 -6.23
N GLU A 163 30.13 6.71 -6.05
CA GLU A 163 30.71 7.08 -4.76
C GLU A 163 30.28 8.47 -4.29
N GLU A 164 30.22 9.41 -5.24
CA GLU A 164 29.81 10.78 -4.93
C GLU A 164 28.44 10.79 -4.24
N PHE A 165 27.53 9.91 -4.66
CA PHE A 165 26.23 9.82 -4.03
C PHE A 165 26.36 9.51 -2.54
N TRP A 166 27.21 8.55 -2.24
CA TRP A 166 27.44 8.14 -0.87
C TRP A 166 28.19 9.20 -0.10
N LYS A 167 28.93 10.05 -0.82
CA LYS A 167 29.57 11.21 -0.23
C LYS A 167 28.53 12.23 0.22
N LEU A 168 27.55 12.50 -0.65
CA LEU A 168 26.45 13.41 -0.33
C LEU A 168 25.63 12.85 0.83
N VAL A 169 25.38 11.54 0.78
CA VAL A 169 24.70 10.83 1.87
C VAL A 169 25.42 11.07 3.20
N ASP A 170 26.74 10.89 3.19
CA ASP A 170 27.57 11.04 4.38
C ASP A 170 27.52 12.47 4.91
N ARG A 171 27.46 13.44 4.00
CA ARG A 171 27.48 14.84 4.39
C ARG A 171 26.18 15.24 5.08
N GLU A 172 25.06 14.86 4.49
CA GLU A 172 23.76 15.18 5.07
C GLU A 172 23.57 14.44 6.40
N ARG A 173 24.22 13.29 6.54
CA ARG A 173 24.20 12.56 7.80
C ARG A 173 24.89 13.37 8.90
N GLU A 174 26.04 13.94 8.58
CA GLU A 174 26.78 14.81 9.51
C GLU A 174 25.96 16.04 9.89
N LEU A 175 25.08 16.47 8.98
CA LEU A 175 24.18 17.57 9.23
C LEU A 175 23.06 17.15 10.19
N HIS A 176 22.44 16.02 9.89
CA HIS A 176 21.43 15.44 10.77
C HIS A 176 21.98 15.24 12.18
N LYS A 177 23.16 14.63 12.28
CA LYS A 177 23.81 14.35 13.56
C LYS A 177 23.93 15.62 14.43
N LEU A 178 24.12 16.76 13.77
CA LEU A 178 24.28 18.06 14.43
C LEU A 178 22.94 18.76 14.72
N GLY A 179 21.84 18.12 14.31
CA GLY A 179 20.49 18.64 14.51
C GLY A 179 19.97 19.52 13.38
N LYS A 180 20.62 19.44 12.21
CA LYS A 180 20.33 20.32 11.07
C LYS A 180 19.99 19.52 9.81
N CYS A 181 19.25 20.14 8.89
CA CYS A 181 18.82 19.46 7.66
C CYS A 181 19.11 20.31 6.43
N GLY A 182 19.67 19.69 5.40
CA GLY A 182 20.08 20.42 4.21
C GLY A 182 19.25 20.22 2.95
N SER A 183 19.04 18.96 2.56
CA SER A 183 18.47 18.68 1.25
C SER A 183 17.33 17.65 1.23
N CYS A 184 16.84 17.29 2.42
CA CYS A 184 15.75 16.31 2.53
C CYS A 184 14.38 16.94 2.23
N VAL A 185 14.13 17.23 0.95
CA VAL A 185 12.89 17.86 0.48
C VAL A 185 12.00 16.86 -0.27
N ALA A 207 22.82 13.66 -11.76
CA ALA A 207 22.02 14.88 -11.67
C ALA A 207 21.70 15.23 -10.21
N ILE A 208 20.85 16.23 -10.02
CA ILE A 208 20.42 16.66 -8.68
C ILE A 208 19.30 15.79 -8.09
N TRP A 209 19.03 14.67 -8.76
CA TRP A 209 18.09 13.65 -8.28
C TRP A 209 18.70 12.88 -7.10
N TYR A 210 19.99 13.14 -6.86
CA TYR A 210 20.78 12.54 -5.79
C TYR A 210 20.32 12.95 -4.38
N MET A 211 19.70 14.12 -4.26
CA MET A 211 19.25 14.64 -2.96
C MET A 211 17.98 13.97 -2.44
N TRP A 212 17.04 13.69 -3.35
CA TRP A 212 15.80 12.99 -3.04
C TRP A 212 16.09 11.58 -2.55
N LEU A 213 16.79 10.81 -3.39
CA LEU A 213 17.24 9.47 -3.05
C LEU A 213 18.07 9.46 -1.78
N GLY A 214 18.95 10.45 -1.64
CA GLY A 214 19.80 10.59 -0.46
C GLY A 214 18.93 10.67 0.78
N ALA A 215 17.94 11.54 0.74
CA ALA A 215 16.99 11.71 1.84
C ALA A 215 16.31 10.38 2.18
N ARG A 216 15.91 9.66 1.13
CA ARG A 216 15.18 8.41 1.27
C ARG A 216 16.05 7.35 1.92
N TYR A 217 17.33 7.33 1.56
CA TYR A 217 18.22 6.35 2.11
C TYR A 217 18.41 6.55 3.61
N LEU A 218 18.72 7.78 4.03
CA LEU A 218 18.95 8.11 5.44
C LEU A 218 17.73 7.70 6.25
N GLU A 219 16.56 8.00 5.69
CA GLU A 219 15.30 7.56 6.27
C GLU A 219 15.29 6.03 6.46
N PHE A 220 15.62 5.31 5.39
CA PHE A 220 15.72 3.87 5.40
C PHE A 220 16.79 3.40 6.37
N GLU A 221 17.84 4.20 6.51
CA GLU A 221 18.91 3.89 7.45
C GLU A 221 18.43 3.97 8.91
N ALA A 222 17.62 4.96 9.22
CA ALA A 222 17.16 5.12 10.60
C ALA A 222 15.89 4.33 10.92
N LEU A 223 15.06 4.08 9.90
CA LEU A 223 13.75 3.47 10.14
C LEU A 223 13.43 2.26 9.28
N GLY A 224 14.33 1.90 8.37
CA GLY A 224 14.15 0.73 7.53
C GLY A 224 13.97 -0.59 8.27
N PHE A 225 14.46 -0.67 9.50
CA PHE A 225 14.43 -1.91 10.29
C PHE A 225 13.00 -2.40 10.48
N LEU A 226 12.05 -1.46 10.43
CA LEU A 226 10.66 -1.80 10.62
C LEU A 226 10.16 -2.77 9.57
N ASN A 227 10.58 -2.56 8.32
CA ASN A 227 10.29 -3.47 7.20
C ASN A 227 11.29 -4.63 7.10
N GLU A 228 12.58 -4.30 7.10
CA GLU A 228 13.60 -5.32 6.83
C GLU A 228 13.62 -6.40 7.90
N ASP A 229 13.42 -6.00 9.16
CA ASP A 229 13.37 -6.94 10.28
C ASP A 229 11.95 -7.42 10.60
N HIS A 230 10.98 -7.01 9.77
CA HIS A 230 9.61 -7.55 9.78
C HIS A 230 8.82 -7.26 11.04
N TRP A 231 8.96 -6.06 11.58
CA TRP A 231 8.23 -5.68 12.78
C TRP A 231 6.71 -5.81 12.68
N PHE A 232 6.18 -5.71 11.47
CA PHE A 232 4.74 -5.83 11.30
C PHE A 232 4.29 -7.07 10.56
N SER A 233 5.11 -8.11 10.61
CA SER A 233 4.69 -9.44 10.19
C SER A 233 3.64 -9.91 11.17
N ARG A 234 2.76 -10.82 10.74
CA ARG A 234 1.69 -11.28 11.64
C ARG A 234 2.24 -11.89 12.91
N GLU A 235 3.32 -12.65 12.81
CA GLU A 235 3.86 -13.30 13.99
C GLU A 235 4.32 -12.26 15.01
N ASN A 236 4.95 -11.18 14.57
CA ASN A 236 5.46 -10.18 15.52
C ASN A 236 4.42 -9.14 15.95
N SER A 237 3.54 -8.72 15.03
CA SER A 237 2.62 -7.60 15.28
C SER A 237 1.22 -8.03 15.74
N TYR A 238 0.89 -9.30 15.53
CA TYR A 238 -0.46 -9.80 15.79
C TYR A 238 -1.55 -9.27 14.85
N SER A 239 -1.56 -7.96 14.57
CA SER A 239 -2.56 -7.37 13.65
C SER A 239 -2.04 -7.20 12.23
N GLY A 240 -0.73 -7.23 12.09
CA GLY A 240 -0.09 -6.92 10.81
C GLY A 240 -0.16 -8.09 9.85
N VAL A 241 0.12 -7.79 8.59
CA VAL A 241 0.11 -8.80 7.54
C VAL A 241 1.29 -8.56 6.62
N GLU A 242 2.26 -7.81 7.10
CA GLU A 242 3.37 -7.42 6.24
C GLU A 242 4.25 -8.62 5.91
N GLY A 243 4.42 -8.86 4.61
CA GLY A 243 5.21 -9.98 4.11
C GLY A 243 4.45 -11.29 3.97
N GLU A 244 3.17 -11.29 4.32
CA GLU A 244 2.33 -12.48 4.19
C GLU A 244 2.04 -12.76 2.71
N GLY A 245 1.63 -11.72 2.01
CA GLY A 245 1.37 -11.83 0.59
C GLY A 245 -0.11 -11.96 0.34
N LEU A 246 -0.54 -11.45 -0.80
CA LEU A 246 -1.94 -11.47 -1.20
C LEU A 246 -2.59 -12.86 -1.06
N HIS A 247 -1.86 -13.89 -1.49
CA HIS A 247 -2.35 -15.27 -1.51
C HIS A 247 -2.60 -15.79 -0.11
N LYS A 248 -2.24 -14.99 0.89
CA LYS A 248 -2.48 -15.36 2.27
C LYS A 248 -3.54 -14.52 2.94
N LEU A 249 -3.82 -13.33 2.40
CA LEU A 249 -4.70 -12.40 3.09
C LEU A 249 -6.07 -13.00 3.39
N GLY A 250 -6.61 -13.77 2.45
CA GLY A 250 -7.91 -14.41 2.61
C GLY A 250 -7.90 -15.40 3.76
N TYR A 251 -6.89 -16.23 3.80
CA TYR A 251 -6.77 -17.20 4.89
C TYR A 251 -6.73 -16.47 6.23
N ILE A 252 -6.12 -15.28 6.24
CA ILE A 252 -6.00 -14.50 7.48
C ILE A 252 -7.38 -13.94 7.90
N LEU A 253 -8.16 -13.50 6.91
CA LEU A 253 -9.48 -13.01 7.20
C LEU A 253 -10.37 -14.15 7.74
N ARG A 254 -10.28 -15.32 7.11
CA ARG A 254 -11.07 -16.46 7.53
C ARG A 254 -10.71 -16.90 8.96
N ASP A 255 -9.44 -16.78 9.32
CA ASP A 255 -9.02 -17.12 10.68
C ASP A 255 -9.60 -16.12 11.69
N ILE A 256 -9.60 -14.84 11.34
CA ILE A 256 -10.29 -13.83 12.15
C ILE A 256 -11.80 -14.13 12.27
N SER A 257 -12.43 -14.60 11.20
CA SER A 257 -13.85 -14.91 11.26
C SER A 257 -14.20 -16.01 12.27
N LYS A 258 -13.22 -16.83 12.63
CA LYS A 258 -13.43 -17.93 13.56
C LYS A 258 -13.41 -17.48 15.02
N ILE A 259 -12.95 -16.24 15.25
CA ILE A 259 -12.85 -15.70 16.60
C ILE A 259 -14.25 -15.25 17.05
N PRO A 260 -14.72 -15.73 18.21
CA PRO A 260 -16.10 -15.38 18.62
C PRO A 260 -16.22 -13.89 18.85
N GLY A 261 -17.26 -13.30 18.29
CA GLY A 261 -17.53 -11.88 18.52
C GLY A 261 -18.68 -11.30 17.75
N GLY A 262 -18.59 -9.99 17.52
CA GLY A 262 -19.53 -9.28 16.65
C GLY A 262 -19.10 -9.43 15.20
N ALA A 263 -19.60 -8.52 14.36
CA ALA A 263 -19.33 -8.58 12.92
C ALA A 263 -17.92 -8.13 12.56
N MET A 264 -17.59 -8.24 11.29
CA MET A 264 -16.29 -7.77 10.84
C MET A 264 -16.47 -6.39 10.24
N TYR A 265 -15.71 -5.43 10.78
CA TYR A 265 -15.78 -4.03 10.35
C TYR A 265 -14.55 -3.64 9.53
N ALA A 266 -14.76 -2.80 8.53
CA ALA A 266 -13.67 -2.32 7.68
C ALA A 266 -13.93 -0.91 7.14
N ASP A 267 -13.96 0.05 8.04
CA ASP A 267 -14.12 1.44 7.65
C ASP A 267 -12.86 2.03 7.00
N ASP A 268 -13.03 2.67 5.84
CA ASP A 268 -12.00 3.53 5.26
C ASP A 268 -11.86 4.79 6.10
N THR A 269 -10.67 5.37 6.09
CA THR A 269 -10.50 6.72 6.60
C THR A 269 -10.48 7.62 5.37
N ALA A 270 -11.12 8.77 5.46
CA ALA A 270 -11.04 9.74 4.41
C ALA A 270 -9.67 10.41 4.45
N GLY A 271 -8.81 10.07 3.49
CA GLY A 271 -7.49 10.68 3.37
C GLY A 271 -6.62 10.52 4.59
N TRP A 272 -6.43 9.26 4.99
CA TRP A 272 -5.63 8.86 6.14
C TRP A 272 -4.39 9.70 6.45
N ASP A 273 -3.49 9.81 5.46
CA ASP A 273 -2.28 10.61 5.56
C ASP A 273 -2.54 12.05 5.97
N THR A 274 -3.60 12.67 5.46
CA THR A 274 -3.90 14.04 5.88
C THR A 274 -4.38 14.09 7.33
N ARG A 275 -4.77 12.94 7.89
CA ARG A 275 -5.37 12.89 9.22
C ARG A 275 -4.37 12.60 10.33
N ILE A 276 -3.09 12.43 9.99
CA ILE A 276 -2.05 12.17 10.98
C ILE A 276 -1.72 13.46 11.73
N THR A 277 -1.95 13.46 13.05
CA THR A 277 -1.80 14.65 13.86
C THR A 277 -0.39 14.79 14.41
N GLU A 278 -0.07 15.98 14.93
CA GLU A 278 1.19 16.19 15.65
C GLU A 278 1.31 15.20 16.79
N ASP A 279 0.19 14.92 17.44
CA ASP A 279 0.14 13.94 18.51
C ASP A 279 0.45 12.51 18.03
N ASP A 280 -0.10 12.11 16.89
CA ASP A 280 0.24 10.79 16.31
C ASP A 280 1.73 10.70 16.10
N LEU A 281 2.32 11.75 15.52
CA LEU A 281 3.76 11.75 15.18
C LEU A 281 4.63 11.57 16.41
N HIS A 282 4.25 12.24 17.50
CA HIS A 282 4.98 12.13 18.75
C HIS A 282 4.86 10.75 19.39
N ASN A 283 3.75 10.06 19.13
CA ASN A 283 3.61 8.69 19.62
C ASN A 283 4.41 7.69 18.81
N GLU A 284 4.52 7.93 17.51
CA GLU A 284 5.31 7.05 16.64
C GLU A 284 6.81 7.14 16.96
N GLU A 285 7.20 8.28 17.50
CA GLU A 285 8.59 8.62 17.83
C GLU A 285 9.09 7.80 19.00
N LYS A 286 8.17 7.36 19.84
CA LYS A 286 8.51 6.62 21.07
C LYS A 286 9.38 5.39 20.79
N ILE A 287 9.39 4.93 19.55
CA ILE A 287 10.26 3.85 19.14
C ILE A 287 11.76 4.18 19.35
N ILE A 288 12.12 5.47 19.36
CA ILE A 288 13.53 5.85 19.54
C ILE A 288 14.09 5.37 20.88
N GLN A 289 13.24 5.28 21.89
CA GLN A 289 13.64 4.84 23.23
C GLN A 289 14.30 3.47 23.25
N GLN A 290 14.03 2.66 22.23
CA GLN A 290 14.57 1.30 22.17
C GLN A 290 15.90 1.20 21.41
N MET A 291 16.40 2.34 20.94
CA MET A 291 17.58 2.37 20.07
C MET A 291 18.90 2.63 20.82
N ASP A 292 19.98 2.10 20.26
CA ASP A 292 21.32 2.41 20.72
C ASP A 292 21.56 3.92 20.52
N PRO A 293 22.44 4.52 21.36
CA PRO A 293 22.73 5.95 21.25
C PRO A 293 22.94 6.43 19.80
N GLU A 294 23.76 5.71 19.04
CA GLU A 294 24.11 6.08 17.66
C GLU A 294 22.90 6.07 16.69
N HIS A 295 22.01 5.11 16.90
CA HIS A 295 20.79 4.96 16.12
C HIS A 295 19.78 6.06 16.49
N ARG A 296 19.59 6.24 17.79
CA ARG A 296 18.74 7.27 18.40
C ARG A 296 18.92 8.68 17.81
N GLN A 297 20.18 9.10 17.65
CA GLN A 297 20.49 10.37 16.99
C GLN A 297 19.85 10.43 15.60
N LEU A 298 20.28 9.53 14.72
CA LEU A 298 19.86 9.51 13.32
C LEU A 298 18.37 9.41 13.12
N ALA A 299 17.71 8.71 14.04
CA ALA A 299 16.27 8.54 13.99
C ALA A 299 15.59 9.83 14.43
N ASN A 300 16.01 10.37 15.58
CA ASN A 300 15.47 11.61 16.11
C ASN A 300 15.59 12.73 15.09
N ALA A 301 16.62 12.66 14.24
CA ALA A 301 16.79 13.57 13.14
C ALA A 301 15.67 13.41 12.12
N ILE A 302 15.48 12.17 11.65
CA ILE A 302 14.43 11.85 10.67
C ILE A 302 13.03 12.33 11.09
N PHE A 303 12.56 11.89 12.26
CA PHE A 303 11.32 12.39 12.85
C PHE A 303 11.24 13.91 12.96
N LYS A 304 12.24 14.52 13.59
CA LYS A 304 12.21 15.96 13.86
C LYS A 304 12.26 16.81 12.62
N LEU A 305 13.02 16.37 11.61
CA LEU A 305 13.33 17.22 10.47
C LEU A 305 12.51 16.93 9.20
N THR A 306 12.05 15.68 9.04
CA THR A 306 11.34 15.27 7.83
C THR A 306 9.93 14.75 8.10
N TYR A 307 9.62 14.48 9.36
CA TYR A 307 8.29 14.01 9.72
C TYR A 307 7.44 15.06 10.44
N GLN A 308 8.05 15.76 11.40
CA GLN A 308 7.34 16.76 12.21
C GLN A 308 7.53 18.19 11.71
N ASN A 309 8.36 18.35 10.68
CA ASN A 309 8.68 19.66 10.12
C ASN A 309 9.08 19.59 8.63
N LYS A 310 8.14 19.22 7.78
CA LYS A 310 8.49 18.90 6.39
C LYS A 310 8.60 20.12 5.48
N VAL A 311 9.42 19.99 4.44
CA VAL A 311 9.48 20.96 3.35
C VAL A 311 9.13 20.26 2.04
N VAL A 312 7.98 20.64 1.48
CA VAL A 312 7.46 19.99 0.28
C VAL A 312 7.60 20.93 -0.90
N LYS A 313 7.85 20.36 -2.07
CA LYS A 313 7.77 21.11 -3.32
C LYS A 313 6.57 20.62 -4.14
N VAL A 314 5.82 21.57 -4.69
CA VAL A 314 4.60 21.30 -5.44
C VAL A 314 4.35 22.42 -6.44
N GLN A 315 3.73 22.10 -7.57
CA GLN A 315 3.42 23.09 -8.61
C GLN A 315 2.08 23.80 -8.39
N ARG A 316 1.91 24.98 -8.98
CA ARG A 316 0.62 25.67 -9.02
C ARG A 316 0.32 26.26 -10.40
N PRO A 317 -0.96 26.25 -10.82
CA PRO A 317 -1.30 26.77 -12.14
C PRO A 317 -1.40 28.31 -12.16
N THR A 318 -0.26 28.98 -11.96
CA THR A 318 -0.20 30.44 -12.07
C THR A 318 -0.29 30.84 -13.55
N PRO A 319 -1.32 31.63 -13.91
CA PRO A 319 -1.61 32.03 -15.30
C PRO A 319 -0.50 32.86 -15.97
N THR A 320 0.70 32.29 -16.05
CA THR A 320 1.84 32.91 -16.70
C THR A 320 2.81 31.84 -17.21
N GLY A 321 3.11 30.87 -16.35
CA GLY A 321 4.01 29.77 -16.70
C GLY A 321 3.98 28.66 -15.66
N THR A 322 4.80 27.63 -15.90
CA THR A 322 4.91 26.49 -14.98
C THR A 322 5.74 26.86 -13.76
N VAL A 323 5.07 27.07 -12.62
CA VAL A 323 5.74 27.46 -11.38
C VAL A 323 5.66 26.35 -10.33
N MET A 324 6.63 26.33 -9.42
CA MET A 324 6.65 25.37 -8.32
C MET A 324 6.80 26.06 -6.97
N ASP A 325 5.89 25.74 -6.05
CA ASP A 325 5.84 26.34 -4.72
C ASP A 325 6.53 25.49 -3.66
N ILE A 326 6.98 26.16 -2.60
CA ILE A 326 7.69 25.53 -1.50
C ILE A 326 6.99 25.89 -0.20
N ILE A 327 6.51 24.85 0.50
CA ILE A 327 5.69 25.00 1.70
C ILE A 327 6.07 24.02 2.81
N SER A 328 5.60 24.29 4.02
CA SER A 328 5.99 23.53 5.20
C SER A 328 4.81 23.29 6.11
N ARG A 329 4.89 22.25 6.93
CA ARG A 329 3.81 21.88 7.85
C ARG A 329 4.33 21.05 9.00
N LYS A 330 3.72 21.25 10.16
CA LYS A 330 4.11 20.56 11.37
C LYS A 330 3.55 19.15 11.49
N ASP A 331 2.48 18.85 10.75
CA ASP A 331 1.83 17.53 10.83
C ASP A 331 1.45 16.93 9.47
N GLN A 332 0.62 15.89 9.49
CA GLN A 332 0.31 15.04 8.32
C GLN A 332 1.48 14.11 7.93
N ARG A 333 1.23 13.26 6.94
CA ARG A 333 2.19 12.29 6.41
C ARG A 333 2.41 12.52 4.92
N GLY A 334 3.65 12.35 4.47
CA GLY A 334 3.97 12.33 3.04
C GLY A 334 4.19 10.89 2.57
N SER A 335 3.35 10.45 1.64
CA SER A 335 3.36 9.05 1.13
C SER A 335 4.73 8.51 0.67
N GLY A 336 5.50 9.35 -0.04
CA GLY A 336 6.76 8.93 -0.65
C GLY A 336 7.89 8.52 0.28
N GLN A 337 7.60 8.44 1.58
CA GLN A 337 8.62 8.17 2.57
C GLN A 337 8.72 6.68 2.94
N VAL A 338 9.95 6.20 3.07
CA VAL A 338 10.25 4.83 3.53
C VAL A 338 9.89 4.70 5.01
N GLY A 339 8.91 3.87 5.35
CA GLY A 339 8.51 3.75 6.75
C GLY A 339 7.19 4.44 7.05
N THR A 340 6.60 5.02 6.02
CA THR A 340 5.26 5.58 6.09
C THR A 340 4.28 4.44 6.40
N TYR A 341 4.48 3.31 5.71
CA TYR A 341 3.65 2.14 5.90
C TYR A 341 3.75 1.60 7.33
N GLY A 342 4.97 1.44 7.84
CA GLY A 342 5.21 0.97 9.18
C GLY A 342 4.45 1.82 10.20
N LEU A 343 4.62 3.12 10.11
CA LEU A 343 4.02 4.07 11.05
C LEU A 343 2.51 4.22 10.92
N ASN A 344 2.00 4.05 9.70
CA ASN A 344 0.53 4.02 9.50
C ASN A 344 -0.08 2.75 10.05
N THR A 345 0.60 1.63 9.84
CA THR A 345 0.11 0.37 10.39
C THR A 345 0.09 0.53 11.91
N PHE A 346 1.13 1.18 12.43
CA PHE A 346 1.28 1.33 13.87
C PHE A 346 0.15 2.20 14.43
N THR A 347 -0.01 3.41 13.88
CA THR A 347 -1.01 4.34 14.36
C THR A 347 -2.40 3.76 14.17
N ASN A 348 -2.65 3.10 13.05
CA ASN A 348 -3.94 2.41 12.86
C ASN A 348 -4.19 1.31 13.93
N MET A 349 -3.17 0.49 14.21
CA MET A 349 -3.28 -0.51 15.27
C MET A 349 -3.72 0.13 16.60
N GLU A 350 -3.00 1.20 16.98
CA GLU A 350 -3.33 2.01 18.14
C GLU A 350 -4.78 2.51 18.06
N ALA A 351 -5.10 3.23 16.99
CA ALA A 351 -6.45 3.76 16.76
C ALA A 351 -7.57 2.72 16.96
N GLN A 352 -7.44 1.56 16.32
CA GLN A 352 -8.45 0.52 16.47
C GLN A 352 -8.50 -0.02 17.90
N LEU A 353 -7.37 -0.13 18.57
CA LEU A 353 -7.35 -0.56 19.97
C LEU A 353 -8.13 0.42 20.83
N VAL A 354 -8.04 1.71 20.50
CA VAL A 354 -8.79 2.72 21.23
C VAL A 354 -10.27 2.62 20.93
N ARG A 355 -10.62 2.43 19.67
CA ARG A 355 -12.03 2.23 19.33
C ARG A 355 -12.59 0.99 20.04
N GLN A 356 -11.84 -0.10 20.06
CA GLN A 356 -12.29 -1.31 20.76
C GLN A 356 -12.50 -1.06 22.24
N MET A 357 -11.61 -0.24 22.82
CA MET A 357 -11.68 0.15 24.22
C MET A 357 -12.95 0.94 24.55
N GLU A 358 -13.35 1.81 23.63
CA GLU A 358 -14.57 2.56 23.79
C GLU A 358 -15.76 1.64 23.58
N GLY A 359 -15.63 0.76 22.60
CA GLY A 359 -16.67 -0.23 22.30
C GLY A 359 -16.99 -1.06 23.53
N GLU A 360 -15.94 -1.44 24.25
CA GLU A 360 -16.06 -2.25 25.44
C GLU A 360 -16.40 -1.44 26.70
N GLY A 361 -16.52 -0.13 26.56
CA GLY A 361 -17.00 0.72 27.65
C GLY A 361 -15.92 1.21 28.58
N VAL A 362 -14.66 0.90 28.23
CA VAL A 362 -13.51 1.37 29.00
C VAL A 362 -13.32 2.88 28.89
N LEU A 363 -13.68 3.45 27.75
CA LEU A 363 -13.56 4.89 27.55
C LEU A 363 -14.90 5.58 27.39
N THR A 364 -15.10 6.62 28.19
CA THR A 364 -16.32 7.40 28.11
C THR A 364 -16.00 8.75 27.49
N LYS A 365 -17.04 9.45 27.04
CA LYS A 365 -16.90 10.86 26.67
C LYS A 365 -16.19 11.62 27.80
N ALA A 366 -16.53 11.32 29.05
CA ALA A 366 -15.91 11.97 30.21
C ALA A 366 -14.42 11.67 30.30
N ASP A 367 -14.02 10.43 29.95
CA ASP A 367 -12.61 10.04 29.93
C ASP A 367 -11.81 10.81 28.88
N LEU A 368 -12.43 11.05 27.73
CA LEU A 368 -11.75 11.72 26.62
C LEU A 368 -11.51 13.19 26.90
N GLU A 369 -12.30 13.77 27.80
CA GLU A 369 -12.23 15.19 28.11
C GLU A 369 -11.31 15.44 29.30
N ASN A 370 -11.03 14.38 30.04
CA ASN A 370 -10.31 14.48 31.32
C ASN A 370 -8.81 14.77 31.17
N PRO A 371 -8.38 15.97 31.60
CA PRO A 371 -6.96 16.29 31.53
C PRO A 371 -6.14 15.57 32.61
N HIS A 372 -6.81 14.82 33.48
CA HIS A 372 -6.14 14.08 34.55
C HIS A 372 -6.67 12.67 34.61
N LEU A 373 -7.02 12.13 33.45
CA LEU A 373 -7.48 10.75 33.32
C LEU A 373 -6.44 9.83 33.90
N LEU A 374 -6.89 8.88 34.72
CA LEU A 374 -5.96 7.94 35.35
C LEU A 374 -5.54 6.83 34.39
N GLU A 375 -4.25 6.51 34.40
CA GLU A 375 -3.66 5.51 33.50
C GLU A 375 -4.09 4.08 33.79
N LYS A 376 -4.53 3.81 35.02
CA LYS A 376 -4.62 2.43 35.48
C LYS A 376 -5.55 1.50 34.69
N LYS A 377 -6.75 1.96 34.36
CA LYS A 377 -7.72 1.08 33.70
C LYS A 377 -7.36 0.79 32.23
N ILE A 378 -6.62 1.70 31.61
CA ILE A 378 -6.12 1.50 30.25
C ILE A 378 -4.97 0.51 30.30
N THR A 379 -4.02 0.78 31.19
CA THR A 379 -2.93 -0.14 31.44
C THR A 379 -3.44 -1.55 31.71
N GLN A 380 -4.44 -1.70 32.59
CA GLN A 380 -4.95 -3.04 32.93
C GLN A 380 -5.67 -3.68 31.75
N TRP A 381 -6.39 -2.87 31.00
CA TRP A 381 -7.00 -3.36 29.78
C TRP A 381 -5.92 -3.86 28.81
N LEU A 382 -4.93 -3.01 28.53
CA LEU A 382 -3.84 -3.38 27.63
C LEU A 382 -3.11 -4.65 28.09
N GLU A 383 -2.62 -4.66 29.32
CA GLU A 383 -1.85 -5.79 29.86
C GLU A 383 -2.62 -7.12 29.87
N THR A 384 -3.95 -7.07 30.01
CA THR A 384 -4.76 -8.30 30.10
C THR A 384 -5.46 -8.70 28.80
N LYS A 385 -5.81 -7.72 27.97
CA LYS A 385 -6.63 -7.95 26.79
C LYS A 385 -6.00 -7.42 25.51
N GLY A 386 -4.91 -6.67 25.65
CA GLY A 386 -4.20 -6.03 24.53
C GLY A 386 -3.89 -6.94 23.35
N VAL A 387 -3.04 -7.95 23.57
CA VAL A 387 -2.69 -8.90 22.52
C VAL A 387 -3.93 -9.61 21.93
N GLU A 388 -4.81 -10.12 22.78
CA GLU A 388 -6.00 -10.81 22.27
C GLU A 388 -6.75 -9.92 21.29
N ARG A 389 -6.90 -8.64 21.62
CA ARG A 389 -7.64 -7.69 20.76
C ARG A 389 -6.90 -7.37 19.45
N LEU A 390 -5.58 -7.45 19.47
CA LEU A 390 -4.79 -7.32 18.25
C LEU A 390 -4.99 -8.51 17.34
N LYS A 391 -5.27 -9.68 17.92
CA LYS A 391 -5.43 -10.90 17.12
C LYS A 391 -6.72 -10.87 16.34
N ARG A 392 -7.61 -9.95 16.68
CA ARG A 392 -8.89 -9.77 16.00
C ARG A 392 -8.81 -8.82 14.80
N MET A 393 -7.60 -8.49 14.37
CA MET A 393 -7.44 -7.43 13.39
C MET A 393 -6.48 -7.80 12.29
N ALA A 394 -6.75 -7.27 11.11
CA ALA A 394 -5.80 -7.30 10.00
C ALA A 394 -5.60 -5.85 9.59
N ILE A 395 -4.36 -5.39 9.65
CA ILE A 395 -4.09 -3.99 9.44
C ILE A 395 -2.87 -3.83 8.57
N SER A 396 -3.06 -3.00 7.55
CA SER A 396 -2.06 -2.74 6.56
C SER A 396 -2.14 -1.26 6.27
N GLY A 397 -1.18 -0.51 6.79
CA GLY A 397 -1.27 0.94 6.71
C GLY A 397 -2.67 1.37 7.12
N ASP A 398 -3.36 2.10 6.26
CA ASP A 398 -4.68 2.59 6.63
C ASP A 398 -5.81 1.58 6.41
N ASP A 399 -5.52 0.45 5.75
CA ASP A 399 -6.50 -0.63 5.65
C ASP A 399 -6.61 -1.39 6.94
N CYS A 400 -7.82 -1.49 7.45
CA CYS A 400 -8.04 -2.30 8.64
C CYS A 400 -9.29 -3.16 8.55
N VAL A 401 -9.25 -4.33 9.14
CA VAL A 401 -10.42 -5.17 9.38
C VAL A 401 -10.39 -5.50 10.85
N VAL A 402 -11.51 -5.31 11.54
CA VAL A 402 -11.57 -5.53 12.97
C VAL A 402 -12.78 -6.39 13.30
N LYS A 403 -12.57 -7.39 14.16
CA LYS A 403 -13.67 -8.18 14.66
C LYS A 403 -13.76 -8.04 16.17
N PRO A 404 -14.57 -7.08 16.64
CA PRO A 404 -14.68 -6.81 18.09
C PRO A 404 -15.41 -7.92 18.84
N ILE A 405 -15.35 -7.89 20.17
CA ILE A 405 -16.02 -8.91 21.00
C ILE A 405 -17.55 -8.85 20.93
N ASP A 406 -18.09 -7.68 20.59
CA ASP A 406 -19.51 -7.54 20.26
C ASP A 406 -19.70 -6.35 19.32
N ASP A 407 -20.92 -5.88 19.13
CA ASP A 407 -21.19 -4.85 18.13
C ASP A 407 -21.42 -3.44 18.68
N ARG A 408 -21.15 -3.24 19.96
CA ARG A 408 -21.04 -1.89 20.50
C ARG A 408 -20.00 -1.08 19.71
N PHE A 409 -18.92 -1.75 19.30
CA PHE A 409 -17.92 -1.19 18.37
C PHE A 409 -18.53 -0.36 17.23
N ALA A 410 -19.61 -0.86 16.63
CA ALA A 410 -20.31 -0.16 15.56
C ALA A 410 -20.63 1.31 15.89
N ASN A 411 -20.87 1.59 17.17
CA ASN A 411 -21.23 2.92 17.68
C ASN A 411 -20.15 3.63 18.48
N ALA A 412 -19.03 2.94 18.72
CA ALA A 412 -17.96 3.56 19.45
C ALA A 412 -17.30 4.50 18.49
N LEU A 413 -17.77 5.75 18.46
CA LEU A 413 -17.25 6.73 17.52
C LEU A 413 -16.63 7.96 18.17
N LEU A 414 -16.76 8.09 19.49
CA LEU A 414 -16.24 9.28 20.14
C LEU A 414 -14.75 9.46 19.87
N ALA A 415 -13.98 8.46 20.28
CA ALA A 415 -12.54 8.52 20.18
C ALA A 415 -12.03 8.47 18.74
N LEU A 416 -12.66 7.66 17.89
CA LEU A 416 -12.22 7.55 16.51
C LEU A 416 -12.33 8.89 15.85
N ASN A 417 -13.44 9.59 16.11
CA ASN A 417 -13.64 10.91 15.53
C ASN A 417 -12.69 11.94 16.10
N ASP A 418 -12.44 11.86 17.41
CA ASP A 418 -11.67 12.89 18.11
C ASP A 418 -10.21 12.78 17.75
N MET A 419 -9.77 11.56 17.49
CA MET A 419 -8.41 11.27 17.04
C MET A 419 -8.15 11.79 15.64
N GLY A 420 -9.21 12.20 14.94
CA GLY A 420 -9.08 12.73 13.59
C GLY A 420 -9.28 11.72 12.47
N LYS A 421 -9.58 10.48 12.82
CA LYS A 421 -9.69 9.42 11.82
C LYS A 421 -11.14 9.23 11.35
N VAL A 422 -11.65 10.23 10.65
CA VAL A 422 -13.05 10.27 10.26
C VAL A 422 -13.25 9.34 9.08
N ARG A 423 -14.29 8.51 9.17
CA ARG A 423 -14.60 7.51 8.14
C ARG A 423 -15.10 8.18 6.86
N LYS A 424 -14.82 7.52 5.75
CA LYS A 424 -15.13 8.04 4.43
C LYS A 424 -16.60 7.83 4.10
N ASP A 425 -17.22 8.83 3.44
CA ASP A 425 -18.57 8.69 2.89
C ASP A 425 -19.60 8.15 3.91
N ILE A 426 -19.63 8.76 5.09
CA ILE A 426 -20.61 8.41 6.12
C ILE A 426 -20.71 9.56 7.14
N PRO A 427 -21.93 10.00 7.47
CA PRO A 427 -22.08 11.00 8.54
C PRO A 427 -21.25 10.63 9.77
N GLN A 428 -20.57 11.62 10.36
CA GLN A 428 -19.65 11.39 11.46
C GLN A 428 -20.19 10.40 12.50
N TRP A 429 -21.50 10.48 12.78
CA TRP A 429 -22.06 9.80 13.95
C TRP A 429 -22.96 8.60 13.68
N GLN A 430 -23.13 8.26 12.40
CA GLN A 430 -23.82 7.04 11.97
C GLN A 430 -22.92 5.83 12.24
N PRO A 431 -23.48 4.77 12.86
CA PRO A 431 -22.75 3.52 13.13
C PRO A 431 -22.26 2.84 11.85
N SER A 432 -21.09 2.23 11.93
CA SER A 432 -20.49 1.51 10.80
C SER A 432 -21.33 0.29 10.39
N LYS A 433 -21.36 0.02 9.10
CA LYS A 433 -21.89 -1.24 8.58
C LYS A 433 -20.87 -2.34 8.81
N GLY A 434 -21.30 -3.40 9.50
CA GLY A 434 -20.47 -4.60 9.67
C GLY A 434 -20.89 -5.74 8.74
N TRP A 435 -19.93 -6.61 8.44
CA TRP A 435 -20.19 -7.76 7.58
C TRP A 435 -20.20 -9.05 8.36
N HIS A 436 -21.24 -9.85 8.17
CA HIS A 436 -21.37 -11.17 8.78
C HIS A 436 -20.69 -12.30 8.01
N ASP A 437 -20.31 -12.02 6.77
CA ASP A 437 -19.55 -12.96 5.94
C ASP A 437 -18.17 -12.37 5.65
N TRP A 438 -17.12 -13.11 6.03
CA TRP A 438 -15.75 -12.65 5.83
C TRP A 438 -15.40 -12.52 4.36
N GLN A 439 -16.12 -13.27 3.52
CA GLN A 439 -15.98 -13.17 2.07
C GLN A 439 -16.43 -11.81 1.53
N GLN A 440 -17.27 -11.12 2.27
CA GLN A 440 -17.74 -9.78 1.88
C GLN A 440 -16.72 -8.66 2.17
N VAL A 441 -15.79 -8.93 3.09
CA VAL A 441 -14.95 -7.89 3.67
C VAL A 441 -13.89 -7.37 2.69
N PRO A 442 -13.95 -6.08 2.35
CA PRO A 442 -12.88 -5.51 1.52
C PRO A 442 -11.61 -5.29 2.32
N PHE A 443 -10.49 -5.53 1.68
CA PHE A 443 -9.20 -5.39 2.33
C PHE A 443 -8.15 -5.36 1.22
N CYS A 444 -7.31 -4.31 1.21
CA CYS A 444 -6.25 -4.22 0.24
C CYS A 444 -6.78 -4.38 -1.21
N SER A 445 -7.82 -3.64 -1.55
CA SER A 445 -8.44 -3.66 -2.89
C SER A 445 -9.07 -5.01 -3.29
N HIS A 446 -9.07 -5.98 -2.40
CA HIS A 446 -9.65 -7.27 -2.72
C HIS A 446 -10.84 -7.66 -1.82
N HIS A 447 -11.58 -8.68 -2.23
CA HIS A 447 -12.35 -9.51 -1.32
C HIS A 447 -11.83 -10.94 -1.47
N PHE A 448 -12.41 -11.91 -0.76
CA PHE A 448 -11.86 -13.27 -0.78
C PHE A 448 -12.92 -14.34 -0.86
N HIS A 449 -12.66 -15.41 -1.61
CA HIS A 449 -13.61 -16.53 -1.72
C HIS A 449 -13.00 -17.83 -1.25
N GLU A 450 -13.83 -18.68 -0.66
CA GLU A 450 -13.47 -20.06 -0.39
C GLU A 450 -13.92 -20.94 -1.53
N LEU A 451 -13.02 -21.79 -2.03
CA LEU A 451 -13.32 -22.71 -3.11
C LEU A 451 -13.23 -24.14 -2.63
N ILE A 452 -14.10 -24.99 -3.16
CA ILE A 452 -14.05 -26.41 -2.91
C ILE A 452 -13.53 -27.08 -4.18
N MET A 453 -12.31 -27.60 -4.09
CA MET A 453 -11.69 -28.34 -5.18
C MET A 453 -12.40 -29.66 -5.44
N LYS A 454 -12.26 -30.19 -6.65
CA LYS A 454 -12.89 -31.46 -7.00
C LYS A 454 -12.52 -32.60 -6.05
N ASP A 455 -11.31 -32.54 -5.50
CA ASP A 455 -10.84 -33.59 -4.57
C ASP A 455 -11.28 -33.33 -3.13
N GLY A 456 -12.01 -32.23 -2.92
CA GLY A 456 -12.63 -31.95 -1.63
C GLY A 456 -11.91 -30.95 -0.74
N ARG A 457 -10.67 -30.61 -1.11
CA ARG A 457 -9.90 -29.60 -0.36
C ARG A 457 -10.45 -28.20 -0.63
N LYS A 458 -10.06 -27.25 0.21
CA LYS A 458 -10.56 -25.88 0.09
C LYS A 458 -9.45 -24.88 -0.15
N LEU A 459 -9.72 -23.90 -1.02
CA LEU A 459 -8.80 -22.76 -1.21
C LEU A 459 -9.45 -21.44 -0.82
N VAL A 460 -8.68 -20.55 -0.24
CA VAL A 460 -9.15 -19.20 -0.07
C VAL A 460 -8.34 -18.32 -1.01
N VAL A 461 -9.05 -17.62 -1.89
CA VAL A 461 -8.48 -16.96 -3.05
C VAL A 461 -8.83 -15.47 -3.11
N PRO A 462 -7.88 -14.64 -3.56
CA PRO A 462 -8.13 -13.22 -3.68
C PRO A 462 -8.97 -12.94 -4.93
N CYS A 463 -9.79 -11.90 -4.88
CA CYS A 463 -10.67 -11.57 -5.98
C CYS A 463 -11.06 -10.09 -5.96
N ARG A 464 -11.27 -9.51 -7.14
CA ARG A 464 -11.78 -8.15 -7.26
C ARG A 464 -12.57 -8.02 -8.57
N PRO A 465 -13.38 -6.96 -8.72
CA PRO A 465 -14.17 -6.88 -9.96
C PRO A 465 -13.29 -7.03 -11.18
N GLN A 466 -13.68 -7.94 -12.08
CA GLN A 466 -12.84 -8.39 -13.19
C GLN A 466 -12.38 -7.26 -14.11
N ASP A 467 -13.27 -6.31 -14.36
CA ASP A 467 -12.95 -5.10 -15.13
C ASP A 467 -11.71 -4.37 -14.59
N GLU A 468 -11.50 -4.39 -13.29
CA GLU A 468 -10.32 -3.75 -12.72
C GLU A 468 -9.08 -4.54 -13.11
N LEU A 469 -9.20 -5.87 -13.11
CA LEU A 469 -8.07 -6.70 -13.50
C LEU A 469 -7.75 -6.51 -14.99
N ILE A 470 -8.76 -6.64 -15.85
CA ILE A 470 -8.53 -6.53 -17.30
C ILE A 470 -8.10 -5.11 -17.67
N GLY A 471 -8.68 -4.12 -17.01
CA GLY A 471 -8.37 -2.71 -17.28
C GLY A 471 -6.93 -2.40 -16.95
N ARG A 472 -6.42 -3.02 -15.91
CA ARG A 472 -5.06 -2.76 -15.54
C ARG A 472 -4.07 -3.43 -16.50
N ALA A 473 -4.36 -4.66 -16.91
CA ALA A 473 -3.48 -5.39 -17.80
C ALA A 473 -3.40 -4.72 -19.17
N ARG A 474 -4.47 -4.02 -19.54
CA ARG A 474 -4.54 -3.41 -20.85
C ARG A 474 -3.72 -2.11 -20.95
N ILE A 475 -3.15 -1.69 -19.83
CA ILE A 475 -2.35 -0.48 -19.75
C ILE A 475 -0.86 -0.80 -19.70
N SER A 476 -0.04 0.06 -20.31
CA SER A 476 1.40 -0.07 -20.21
C SER A 476 2.00 1.22 -19.67
N GLN A 477 2.74 1.10 -18.56
CA GLN A 477 3.39 2.26 -17.93
C GLN A 477 4.51 2.87 -18.77
N GLY A 478 4.21 4.01 -19.40
CA GLY A 478 5.18 4.76 -20.21
C GLY A 478 5.11 4.49 -21.70
N ALA A 479 5.46 5.49 -22.50
CA ALA A 479 5.48 5.38 -23.96
C ALA A 479 6.84 4.87 -24.47
N GLY A 480 6.96 4.75 -25.79
CA GLY A 480 8.18 4.21 -26.42
C GLY A 480 8.53 2.81 -25.95
N TRP A 481 7.67 1.84 -26.25
CA TRP A 481 7.96 0.43 -26.01
C TRP A 481 7.92 -0.33 -27.32
N SER A 482 8.77 -1.34 -27.45
CA SER A 482 8.71 -2.28 -28.57
C SER A 482 7.62 -3.32 -28.30
N LEU A 483 7.27 -4.07 -29.33
CA LEU A 483 6.30 -5.15 -29.20
C LEU A 483 6.76 -6.20 -28.19
N ARG A 484 8.06 -6.47 -28.16
CA ARG A 484 8.65 -7.46 -27.26
C ARG A 484 8.40 -7.13 -25.79
N GLU A 485 8.86 -5.95 -25.37
CA GLU A 485 8.66 -5.45 -24.01
C GLU A 485 7.17 -5.37 -23.66
N THR A 486 6.35 -5.13 -24.68
CA THR A 486 4.89 -5.08 -24.55
C THR A 486 4.31 -6.48 -24.39
N ALA A 487 4.79 -7.44 -25.20
CA ALA A 487 4.40 -8.84 -25.08
C ALA A 487 4.78 -9.41 -23.72
N CYS A 488 5.90 -8.96 -23.18
CA CYS A 488 6.41 -9.50 -21.93
C CYS A 488 5.64 -9.00 -20.72
N LEU A 489 5.14 -7.76 -20.79
CA LEU A 489 4.30 -7.23 -19.72
C LEU A 489 2.96 -7.95 -19.70
N GLY A 490 2.48 -8.30 -20.88
CA GLY A 490 1.26 -9.08 -21.03
C GLY A 490 1.40 -10.43 -20.37
N LYS A 491 2.47 -11.14 -20.71
CA LYS A 491 2.76 -12.44 -20.12
C LYS A 491 2.82 -12.27 -18.61
N ALA A 492 3.52 -11.25 -18.14
CA ALA A 492 3.56 -10.93 -16.72
C ALA A 492 2.14 -10.96 -16.10
N TYR A 493 1.24 -10.13 -16.64
CA TYR A 493 -0.17 -10.13 -16.20
C TYR A 493 -0.84 -11.48 -16.33
N ALA A 494 -0.61 -12.14 -17.46
CA ALA A 494 -1.24 -13.42 -17.74
C ALA A 494 -0.86 -14.45 -16.68
N GLN A 495 0.42 -14.50 -16.34
CA GLN A 495 0.88 -15.48 -15.37
C GLN A 495 0.41 -15.12 -13.95
N MET A 496 0.20 -13.82 -13.69
CA MET A 496 -0.33 -13.41 -12.40
C MET A 496 -1.76 -13.88 -12.24
N TRP A 497 -2.52 -13.82 -13.33
CA TRP A 497 -3.90 -14.24 -13.33
C TRP A 497 -3.99 -15.73 -13.14
N SER A 498 -3.02 -16.48 -13.64
CA SER A 498 -3.05 -17.92 -13.48
C SER A 498 -2.63 -18.38 -12.09
N LEU A 499 -1.98 -17.50 -11.33
CA LEU A 499 -1.63 -17.81 -9.93
C LEU A 499 -2.56 -17.21 -8.88
N MET A 500 -3.14 -16.05 -9.18
CA MET A 500 -3.94 -15.31 -8.21
C MET A 500 -5.43 -15.33 -8.54
N TYR A 501 -5.75 -15.30 -9.83
CA TYR A 501 -7.14 -15.25 -10.27
C TYR A 501 -7.53 -16.36 -11.27
N PHE A 502 -6.97 -17.55 -11.08
CA PHE A 502 -7.22 -18.71 -11.93
C PHE A 502 -8.67 -19.17 -11.87
N HIS A 503 -9.37 -18.68 -10.86
CA HIS A 503 -10.74 -19.11 -10.59
C HIS A 503 -11.77 -18.24 -11.32
N ARG A 504 -11.30 -17.22 -12.05
CA ARG A 504 -12.16 -16.38 -12.88
C ARG A 504 -12.10 -16.96 -14.27
N ARG A 505 -13.23 -17.45 -14.78
CA ARG A 505 -13.25 -18.12 -16.09
C ARG A 505 -12.62 -17.30 -17.19
N ASP A 506 -12.96 -16.02 -17.26
CA ASP A 506 -12.49 -15.19 -18.38
C ASP A 506 -10.99 -14.94 -18.33
N LEU A 507 -10.47 -14.73 -17.14
CA LEU A 507 -9.06 -14.45 -16.96
C LEU A 507 -8.16 -15.68 -17.15
N ARG A 508 -8.67 -16.88 -16.91
CA ARG A 508 -7.89 -18.06 -17.21
C ARG A 508 -7.78 -18.26 -18.73
N LEU A 509 -8.88 -18.00 -19.44
CA LEU A 509 -8.90 -18.13 -20.89
C LEU A 509 -7.99 -17.09 -21.52
N ALA A 510 -8.23 -15.81 -21.17
CA ALA A 510 -7.33 -14.72 -21.59
C ALA A 510 -5.88 -15.04 -21.24
N SER A 511 -5.66 -15.57 -20.05
CA SER A 511 -4.31 -15.96 -19.63
C SER A 511 -3.63 -16.94 -20.60
N ASN A 512 -4.29 -18.05 -20.88
CA ASN A 512 -3.79 -19.01 -21.87
C ASN A 512 -3.58 -18.39 -23.24
N ALA A 513 -4.53 -17.59 -23.67
CA ALA A 513 -4.42 -16.89 -24.94
C ALA A 513 -3.15 -16.06 -25.00
N ILE A 514 -2.86 -15.30 -23.94
CA ILE A 514 -1.68 -14.45 -23.90
C ILE A 514 -0.42 -15.31 -23.93
N CYS A 515 -0.35 -16.27 -23.02
CA CYS A 515 0.80 -17.19 -22.99
C CYS A 515 0.99 -17.96 -24.31
N SER A 516 -0.09 -18.21 -25.05
CA SER A 516 -0.02 -18.90 -26.34
C SER A 516 0.54 -18.03 -27.44
N ALA A 517 0.32 -16.73 -27.32
CA ALA A 517 0.68 -15.77 -28.36
C ALA A 517 2.07 -15.16 -28.15
N VAL A 518 2.66 -15.41 -26.98
CA VAL A 518 3.95 -14.85 -26.61
C VAL A 518 5.01 -15.97 -26.50
N PRO A 519 6.18 -15.80 -27.14
CA PRO A 519 7.19 -16.88 -27.15
C PRO A 519 7.45 -17.47 -25.77
N VAL A 520 7.53 -18.79 -25.69
CA VAL A 520 7.63 -19.51 -24.40
C VAL A 520 8.83 -19.07 -23.56
N HIS A 521 9.92 -18.71 -24.23
CA HIS A 521 11.16 -18.44 -23.54
C HIS A 521 11.34 -16.97 -23.14
N TRP A 522 10.48 -16.10 -23.65
CA TRP A 522 10.53 -14.68 -23.27
C TRP A 522 10.18 -14.52 -21.78
N VAL A 523 11.08 -13.88 -21.06
CA VAL A 523 10.90 -13.71 -19.62
C VAL A 523 10.00 -12.51 -19.39
N PRO A 524 8.95 -12.69 -18.60
CA PRO A 524 8.20 -11.55 -18.11
C PRO A 524 9.13 -10.54 -17.42
N THR A 525 9.02 -9.28 -17.82
CA THR A 525 9.76 -8.17 -17.19
C THR A 525 8.78 -7.06 -16.84
N SER A 526 9.28 -6.07 -16.10
CA SER A 526 8.46 -4.94 -15.69
C SER A 526 7.30 -5.50 -14.86
N ARG A 527 6.96 -4.78 -13.79
CA ARG A 527 6.00 -5.28 -12.80
C ARG A 527 4.56 -5.09 -13.24
N THR A 528 3.69 -5.91 -12.66
CA THR A 528 2.25 -5.85 -12.91
C THR A 528 1.54 -4.98 -11.88
N THR A 529 2.24 -4.67 -10.81
CA THR A 529 1.63 -4.00 -9.64
C THR A 529 2.71 -3.53 -8.68
N TRP A 530 2.35 -2.55 -7.86
CA TRP A 530 3.27 -2.05 -6.84
C TRP A 530 2.81 -2.47 -5.45
N SER A 531 1.68 -3.15 -5.39
CA SER A 531 1.16 -3.67 -4.12
C SER A 531 2.29 -4.29 -3.34
N ILE A 532 2.37 -3.92 -2.06
CA ILE A 532 3.34 -4.53 -1.15
C ILE A 532 2.97 -5.96 -0.82
N HIS A 533 1.77 -6.37 -1.20
CA HIS A 533 1.30 -7.72 -0.93
C HIS A 533 1.63 -8.67 -2.07
N ALA A 534 2.14 -8.13 -3.17
CA ALA A 534 2.52 -8.94 -4.32
C ALA A 534 3.90 -9.54 -4.14
N HIS A 535 4.00 -10.86 -4.34
CA HIS A 535 5.28 -11.55 -4.24
C HIS A 535 5.82 -11.95 -5.60
N HIS A 536 5.11 -11.55 -6.65
CA HIS A 536 5.61 -11.65 -8.03
C HIS A 536 6.11 -13.05 -8.42
N GLN A 537 5.44 -14.09 -7.92
CA GLN A 537 5.78 -15.48 -8.25
C GLN A 537 5.55 -15.75 -9.75
N TRP A 538 4.75 -14.90 -10.38
CA TRP A 538 4.54 -14.99 -11.81
C TRP A 538 5.69 -14.45 -12.68
N MET A 539 6.70 -13.86 -12.06
CA MET A 539 7.79 -13.27 -12.82
C MET A 539 8.84 -14.34 -13.08
N THR A 540 8.54 -15.24 -14.03
CA THR A 540 9.35 -16.45 -14.22
C THR A 540 9.00 -17.21 -15.50
N THR A 541 9.92 -18.05 -15.97
CA THR A 541 9.69 -18.89 -17.15
C THR A 541 9.36 -20.32 -16.72
N GLU A 542 9.40 -20.54 -15.41
CA GLU A 542 8.96 -21.78 -14.78
C GLU A 542 7.49 -22.02 -15.13
N ASP A 543 7.17 -23.27 -15.46
CA ASP A 543 5.81 -23.62 -15.81
C ASP A 543 4.82 -23.31 -14.67
N MET A 544 3.70 -22.71 -15.03
CA MET A 544 2.77 -22.12 -14.06
C MET A 544 2.06 -23.08 -13.11
N LEU A 545 1.73 -24.29 -13.57
CA LEU A 545 1.11 -25.30 -12.71
C LEU A 545 2.09 -25.79 -11.64
N THR A 546 3.38 -25.80 -11.99
CA THR A 546 4.40 -26.08 -11.00
C THR A 546 4.42 -24.99 -9.93
N VAL A 547 4.39 -23.73 -10.36
CA VAL A 547 4.31 -22.61 -9.42
C VAL A 547 2.96 -22.56 -8.68
N TRP A 548 1.86 -22.84 -9.37
CA TRP A 548 0.56 -22.87 -8.70
C TRP A 548 0.64 -23.88 -7.56
N ASN A 549 1.29 -25.01 -7.82
CA ASN A 549 1.40 -26.08 -6.84
C ASN A 549 2.26 -25.71 -5.66
N ARG A 550 3.30 -24.93 -5.93
CA ARG A 550 4.18 -24.46 -4.88
C ARG A 550 3.41 -23.50 -3.98
N VAL A 551 2.73 -22.54 -4.59
CA VAL A 551 2.03 -21.50 -3.85
C VAL A 551 0.79 -22.01 -3.11
N TRP A 552 -0.03 -22.82 -3.76
CA TRP A 552 -1.35 -23.15 -3.21
C TRP A 552 -1.44 -24.49 -2.49
N ILE A 553 -0.49 -25.38 -2.75
CA ILE A 553 -0.45 -26.63 -2.03
C ILE A 553 0.80 -26.70 -1.17
N GLU A 554 1.97 -26.84 -1.79
CA GLU A 554 3.20 -27.15 -1.05
C GLU A 554 3.52 -26.18 0.10
N GLU A 555 3.58 -24.88 -0.19
CA GLU A 555 3.97 -23.89 0.82
C GLU A 555 2.79 -23.26 1.56
N ASN A 556 1.57 -23.65 1.19
CA ASN A 556 0.37 -23.13 1.84
C ASN A 556 0.21 -23.71 3.24
N PRO A 557 0.50 -22.90 4.28
CA PRO A 557 0.41 -23.50 5.63
C PRO A 557 -1.03 -23.88 6.00
N TRP A 558 -2.03 -23.40 5.25
CA TRP A 558 -3.42 -23.73 5.54
C TRP A 558 -3.90 -24.93 4.76
N MET A 559 -3.01 -25.53 3.96
CA MET A 559 -3.32 -26.74 3.23
C MET A 559 -2.67 -27.94 3.91
N GLU A 560 -3.48 -28.74 4.61
CA GLU A 560 -3.00 -29.93 5.32
C GLU A 560 -2.52 -31.03 4.37
N ASP A 561 -3.33 -31.30 3.34
CA ASP A 561 -3.05 -32.38 2.41
C ASP A 561 -2.18 -31.87 1.26
N LYS A 562 -0.97 -32.42 1.18
CA LYS A 562 0.06 -31.90 0.28
C LYS A 562 0.06 -32.52 -1.12
N THR A 563 -1.04 -33.17 -1.48
CA THR A 563 -1.09 -33.92 -2.73
C THR A 563 -1.06 -32.96 -3.92
N PRO A 564 -0.04 -33.12 -4.80
CA PRO A 564 0.12 -32.32 -6.02
C PRO A 564 -1.15 -32.30 -6.85
N VAL A 565 -1.40 -31.16 -7.50
CA VAL A 565 -2.44 -31.09 -8.55
C VAL A 565 -1.76 -31.32 -9.90
N THR A 566 -2.16 -32.36 -10.60
CA THR A 566 -1.43 -32.80 -11.78
C THR A 566 -1.92 -32.15 -13.08
N THR A 567 -3.03 -31.42 -13.00
CA THR A 567 -3.62 -30.78 -14.20
C THR A 567 -4.49 -29.60 -13.81
N TRP A 568 -4.53 -28.59 -14.69
CA TRP A 568 -5.40 -27.41 -14.55
C TRP A 568 -6.88 -27.74 -14.43
N GLU A 569 -7.25 -28.92 -14.92
CA GLU A 569 -8.60 -29.42 -14.78
C GLU A 569 -8.96 -29.68 -13.32
N ASN A 570 -7.96 -29.78 -12.44
CA ASN A 570 -8.23 -29.94 -11.02
C ASN A 570 -8.02 -28.67 -10.23
N VAL A 571 -7.72 -27.59 -10.94
CA VAL A 571 -7.69 -26.25 -10.35
C VAL A 571 -9.09 -25.62 -10.43
N PRO A 572 -9.65 -25.23 -9.29
CA PRO A 572 -11.08 -24.91 -9.31
C PRO A 572 -11.44 -23.50 -9.78
N TYR A 573 -12.70 -23.35 -10.17
CA TYR A 573 -13.26 -22.06 -10.45
C TYR A 573 -14.21 -21.63 -9.32
N LEU A 574 -14.42 -20.33 -9.18
CA LEU A 574 -15.61 -19.79 -8.54
C LEU A 574 -16.83 -20.39 -9.21
N GLY A 575 -17.89 -20.57 -8.43
CA GLY A 575 -19.19 -20.93 -9.00
C GLY A 575 -19.56 -19.93 -10.09
N LYS A 576 -20.13 -20.43 -11.18
CA LYS A 576 -20.66 -19.58 -12.26
C LYS A 576 -21.34 -18.32 -11.70
N ARG A 577 -22.26 -18.52 -10.77
CA ARG A 577 -23.00 -17.45 -10.09
C ARG A 577 -22.08 -16.33 -9.56
N GLU A 578 -21.07 -16.74 -8.78
CA GLU A 578 -20.14 -15.80 -8.14
C GLU A 578 -19.21 -15.19 -9.17
N ASP A 579 -18.76 -16.00 -10.12
CA ASP A 579 -17.95 -15.51 -11.20
C ASP A 579 -18.66 -14.34 -11.87
N GLN A 580 -19.95 -14.51 -12.13
CA GLN A 580 -20.77 -13.47 -12.75
C GLN A 580 -20.95 -12.20 -11.90
N TRP A 581 -21.26 -12.35 -10.62
CA TRP A 581 -21.42 -11.20 -9.72
C TRP A 581 -20.12 -10.41 -9.57
N CYS A 582 -19.01 -11.07 -9.87
CA CYS A 582 -17.71 -10.44 -9.76
C CYS A 582 -17.20 -9.94 -11.11
N GLY A 583 -18.09 -9.89 -12.10
CA GLY A 583 -17.80 -9.21 -13.37
C GLY A 583 -17.72 -10.05 -14.63
N SER A 584 -17.68 -11.38 -14.48
CA SER A 584 -17.54 -12.27 -15.62
C SER A 584 -18.51 -11.97 -16.74
N LEU A 585 -18.06 -12.23 -17.96
CA LEU A 585 -18.89 -12.12 -19.13
C LEU A 585 -19.39 -13.48 -19.61
N ILE A 586 -19.12 -14.55 -18.86
CA ILE A 586 -19.66 -15.86 -19.27
C ILE A 586 -21.17 -15.81 -19.33
N GLY A 587 -21.72 -16.39 -20.38
CA GLY A 587 -23.16 -16.36 -20.57
C GLY A 587 -23.53 -15.47 -21.73
N LEU A 588 -22.71 -14.47 -22.00
CA LEU A 588 -22.95 -13.56 -23.12
C LEU A 588 -22.41 -14.18 -24.42
N THR A 589 -23.08 -13.89 -25.54
CA THR A 589 -22.66 -14.48 -26.81
C THR A 589 -21.39 -13.85 -27.36
N SER A 590 -21.18 -12.56 -27.11
CA SER A 590 -19.92 -11.90 -27.48
C SER A 590 -18.72 -12.56 -26.80
N ARG A 591 -18.97 -13.08 -25.60
CA ARG A 591 -17.94 -13.79 -24.87
C ARG A 591 -17.75 -15.17 -25.51
N ALA A 592 -18.85 -15.75 -25.98
CA ALA A 592 -18.82 -17.08 -26.58
C ALA A 592 -18.08 -17.03 -27.90
N THR A 593 -18.35 -15.98 -28.68
CA THR A 593 -17.71 -15.73 -29.95
C THR A 593 -16.19 -15.59 -29.76
N TRP A 594 -15.81 -14.71 -28.85
CA TRP A 594 -14.42 -14.47 -28.48
C TRP A 594 -13.73 -15.76 -28.06
N ALA A 595 -14.39 -16.57 -27.23
CA ALA A 595 -13.82 -17.85 -26.82
C ALA A 595 -13.58 -18.74 -28.03
N GLN A 596 -14.60 -18.88 -28.88
CA GLN A 596 -14.53 -19.74 -30.04
C GLN A 596 -13.48 -19.23 -31.03
N ASN A 597 -13.42 -17.90 -31.17
CA ASN A 597 -12.56 -17.25 -32.14
C ASN A 597 -11.22 -16.75 -31.60
N ILE A 598 -10.86 -17.19 -30.40
CA ILE A 598 -9.60 -16.78 -29.75
C ILE A 598 -8.37 -17.31 -30.51
N PRO A 599 -8.38 -18.58 -30.96
CA PRO A 599 -7.26 -19.08 -31.77
C PRO A 599 -6.87 -18.19 -32.94
N THR A 600 -7.81 -17.47 -33.53
CA THR A 600 -7.51 -16.60 -34.67
C THR A 600 -6.67 -15.42 -34.23
N ALA A 601 -7.08 -14.73 -33.16
CA ALA A 601 -6.33 -13.57 -32.68
C ALA A 601 -4.94 -13.95 -32.14
N ILE A 602 -4.83 -15.13 -31.52
CA ILE A 602 -3.53 -15.63 -31.06
C ILE A 602 -2.58 -15.69 -32.24
N GLN A 603 -3.05 -16.23 -33.35
CA GLN A 603 -2.24 -16.38 -34.54
C GLN A 603 -1.83 -15.03 -35.11
N GLN A 604 -2.73 -14.05 -35.03
CA GLN A 604 -2.45 -12.70 -35.51
C GLN A 604 -1.26 -12.10 -34.77
N VAL A 605 -1.32 -12.17 -33.45
CA VAL A 605 -0.24 -11.72 -32.60
C VAL A 605 1.03 -12.49 -32.97
N ARG A 606 0.94 -13.82 -33.05
CA ARG A 606 2.09 -14.63 -33.44
C ARG A 606 2.83 -14.10 -34.67
N SER A 607 2.10 -13.90 -35.77
CA SER A 607 2.75 -13.48 -37.02
C SER A 607 3.32 -12.06 -36.99
N LEU A 608 2.98 -11.30 -35.95
CA LEU A 608 3.51 -9.94 -35.80
C LEU A 608 4.79 -9.94 -35.00
N ILE A 609 4.88 -10.88 -34.06
CA ILE A 609 6.10 -11.10 -33.29
C ILE A 609 7.21 -11.71 -34.15
N GLY A 610 6.87 -12.72 -34.95
CA GLY A 610 7.84 -13.35 -35.84
C GLY A 610 7.96 -14.85 -35.67
N ASN A 611 8.99 -15.43 -36.28
CA ASN A 611 9.21 -16.88 -36.26
C ASN A 611 9.99 -17.36 -35.03
N GLU A 612 9.37 -17.14 -33.87
CA GLU A 612 9.91 -17.55 -32.58
C GLU A 612 9.30 -18.89 -32.17
N GLU A 613 9.53 -19.30 -30.92
CA GLU A 613 8.98 -20.56 -30.42
C GLU A 613 7.70 -20.33 -29.60
N PHE A 614 6.60 -20.92 -30.06
CA PHE A 614 5.32 -20.79 -29.39
C PHE A 614 4.79 -22.13 -28.87
N LEU A 615 3.97 -22.03 -27.83
CA LEU A 615 3.32 -23.19 -27.21
C LEU A 615 1.81 -22.96 -27.17
N ASP A 616 1.04 -24.01 -27.40
CA ASP A 616 -0.41 -23.94 -27.34
C ASP A 616 -0.92 -24.26 -25.93
N TYR A 617 -1.54 -23.27 -25.29
CA TYR A 617 -2.07 -23.40 -23.92
C TYR A 617 -3.59 -23.53 -23.89
N MET A 618 -4.21 -23.65 -25.06
CA MET A 618 -5.65 -23.81 -25.14
C MET A 618 -5.98 -25.30 -25.31
#